data_8SDW
#
_entry.id   8SDW
#
_cell.length_a   41.654
_cell.length_b   55.015
_cell.length_c   78.472
_cell.angle_alpha   90.00
_cell.angle_beta   90.00
_cell.angle_gamma   90.00
#
_symmetry.space_group_name_H-M   'P 21 21 21'
#
loop_
_entity.id
_entity.type
_entity.pdbx_description
1 polymer 'ADP-ribosylation factor 1'
2 non-polymer "GUANOSINE-3'-MONOPHOSPHATE-5'-DIPHOSPHATE"
3 non-polymer 'MAGNESIUM ION'
4 water water
#
_entity_poly.entity_id   1
_entity_poly.type   'polypeptide(L)'
_entity_poly.pdbx_seq_one_letter_code
;MGNIFANKFKGLFGKKEMRILMVGLDAAGKTTILYKLKLGEIVTTIPTIGFNVETVEYKNISFTVWDVGGQDKIRPLWRH
YFQNTQGLIFVVDSNDRERVNEAREELMRMLAEDELRDAVLLVFANKQDLPNAMNAAEITDKLGLHSLRHRNWYIQATCA
TSGDGLYEGLDWLSNQLRNQK
;
_entity_poly.pdbx_strand_id   A
#
# COMPACT_ATOMS: atom_id res chain seq x y z
N ALA A 6 -22.34 9.46 1.85
CA ALA A 6 -21.87 8.82 0.62
C ALA A 6 -20.36 8.55 0.71
N ASN A 7 -19.98 7.31 0.47
CA ASN A 7 -18.60 6.87 0.61
C ASN A 7 -17.99 6.71 -0.79
N LYS A 8 -17.01 7.57 -1.10
CA LYS A 8 -16.44 7.60 -2.43
C LYS A 8 -15.66 6.34 -2.79
N PHE A 9 -15.22 5.58 -1.79
CA PHE A 9 -14.41 4.40 -2.07
C PHE A 9 -15.24 3.18 -2.43
N LYS A 10 -16.52 3.15 -2.05
CA LYS A 10 -17.31 1.93 -2.22
C LYS A 10 -17.60 1.61 -3.68
N GLY A 11 -17.57 2.60 -4.56
CA GLY A 11 -17.81 2.34 -5.97
C GLY A 11 -16.57 2.54 -6.82
N LEU A 12 -15.40 2.56 -6.18
CA LEU A 12 -14.15 2.85 -6.87
C LEU A 12 -13.48 1.61 -7.44
N PHE A 13 -13.95 0.42 -7.07
CA PHE A 13 -13.24 -0.81 -7.38
C PHE A 13 -14.04 -1.76 -8.27
N GLY A 14 -15.00 -1.23 -9.03
CA GLY A 14 -15.78 -2.10 -9.85
C GLY A 14 -16.60 -3.06 -9.01
N LYS A 15 -17.01 -4.17 -9.64
CA LYS A 15 -17.85 -5.16 -8.99
C LYS A 15 -17.20 -6.54 -8.96
N LYS A 16 -16.04 -6.72 -9.56
CA LYS A 16 -15.34 -8.00 -9.51
C LYS A 16 -14.38 -8.03 -8.32
N GLU A 17 -14.08 -9.25 -7.86
CA GLU A 17 -13.17 -9.43 -6.74
C GLU A 17 -11.87 -8.68 -6.98
N MET A 18 -11.44 -7.94 -5.97
CA MET A 18 -10.18 -7.19 -6.02
C MET A 18 -9.48 -7.34 -4.69
N ARG A 19 -8.24 -7.83 -4.72
CA ARG A 19 -7.45 -8.10 -3.52
C ARG A 19 -6.22 -7.20 -3.51
N ILE A 20 -6.07 -6.41 -2.45
CA ILE A 20 -4.97 -5.47 -2.32
C ILE A 20 -4.23 -5.76 -1.02
N LEU A 21 -2.91 -5.83 -1.10
CA LEU A 21 -2.03 -5.94 0.05
C LEU A 21 -1.34 -4.60 0.26
N MET A 22 -1.40 -4.09 1.48
CA MET A 22 -0.79 -2.80 1.81
C MET A 22 0.18 -2.99 2.95
N VAL A 23 1.45 -2.68 2.72
CA VAL A 23 2.50 -2.88 3.70
C VAL A 23 3.39 -1.64 3.74
N GLY A 24 4.37 -1.69 4.64
CA GLY A 24 5.22 -0.54 4.90
C GLY A 24 5.78 -0.65 6.30
N LEU A 25 6.78 0.18 6.56
CA LEU A 25 7.35 0.21 7.90
C LEU A 25 6.28 0.61 8.92
N ASP A 26 6.51 0.25 10.18
CA ASP A 26 5.65 0.74 11.24
C ASP A 26 5.66 2.25 11.24
N ALA A 27 4.51 2.85 11.55
CA ALA A 27 4.30 4.29 11.65
C ALA A 27 4.19 4.99 10.30
N ALA A 28 4.14 4.23 9.20
CA ALA A 28 4.03 4.88 7.89
C ALA A 28 2.65 5.50 7.68
N GLY A 29 1.61 4.92 8.27
CA GLY A 29 0.27 5.47 8.15
C GLY A 29 -0.76 4.51 7.60
N LYS A 30 -0.46 3.20 7.64
CA LYS A 30 -1.28 2.22 6.96
C LYS A 30 -2.61 2.02 7.66
N THR A 31 -2.60 1.87 8.99
CA THR A 31 -3.85 1.73 9.73
C THR A 31 -4.72 2.97 9.55
N THR A 32 -4.11 4.15 9.55
CA THR A 32 -4.85 5.38 9.28
C THR A 32 -5.59 5.29 7.95
N ILE A 33 -4.91 4.85 6.90
CA ILE A 33 -5.54 4.72 5.59
C ILE A 33 -6.71 3.75 5.66
N LEU A 34 -6.51 2.61 6.32
CA LEU A 34 -7.58 1.62 6.41
C LEU A 34 -8.85 2.24 6.99
N TYR A 35 -8.72 2.98 8.10
CA TYR A 35 -9.89 3.58 8.72
C TYR A 35 -10.54 4.61 7.80
N LYS A 36 -9.71 5.35 7.04
CA LYS A 36 -10.25 6.39 6.17
C LYS A 36 -11.14 5.81 5.07
N LEU A 37 -10.92 4.56 4.69
CA LEU A 37 -11.70 3.97 3.62
C LEU A 37 -13.16 3.77 4.03
N LYS A 38 -13.42 3.66 5.35
CA LYS A 38 -14.77 3.49 5.86
C LYS A 38 -15.48 2.35 5.13
N LEU A 39 -14.73 1.28 4.87
CA LEU A 39 -15.25 0.08 4.23
C LEU A 39 -15.62 -0.99 5.25
N GLY A 40 -15.77 -0.63 6.51
CA GLY A 40 -16.23 -1.55 7.52
C GLY A 40 -15.20 -1.79 8.61
N GLU A 41 -15.49 -2.78 9.44
CA GLU A 41 -14.65 -3.07 10.60
C GLU A 41 -13.29 -3.61 10.16
N ILE A 42 -12.24 -3.09 10.80
CA ILE A 42 -10.90 -3.66 10.65
C ILE A 42 -10.82 -4.89 11.54
N VAL A 43 -10.58 -6.05 10.95
CA VAL A 43 -10.45 -7.30 11.69
C VAL A 43 -8.97 -7.59 11.85
N THR A 44 -8.53 -7.76 13.10
CA THR A 44 -7.14 -8.03 13.41
C THR A 44 -6.97 -9.51 13.73
N THR A 45 -6.06 -10.16 13.01
CA THR A 45 -5.69 -11.56 13.27
C THR A 45 -4.22 -11.62 13.63
N ILE A 46 -3.86 -12.64 14.41
CA ILE A 46 -2.49 -12.86 14.83
C ILE A 46 -2.11 -14.28 14.38
N PRO A 47 -1.79 -14.50 13.10
CA PRO A 47 -1.57 -15.88 12.65
C PRO A 47 -0.46 -16.58 13.43
N THR A 48 0.50 -15.80 13.93
CA THR A 48 1.62 -16.29 14.72
C THR A 48 2.05 -15.15 15.61
N ILE A 49 2.51 -15.48 16.82
CA ILE A 49 2.80 -14.42 17.79
C ILE A 49 3.77 -13.43 17.14
N GLY A 50 3.39 -12.16 17.12
CA GLY A 50 4.27 -11.14 16.62
C GLY A 50 4.03 -10.78 15.18
N PHE A 51 3.03 -11.41 14.54
CA PHE A 51 2.63 -11.10 13.18
C PHE A 51 1.17 -10.66 13.25
N ASN A 52 0.93 -9.35 13.29
CA ASN A 52 -0.41 -8.80 13.33
C ASN A 52 -0.86 -8.42 11.93
N VAL A 53 -2.03 -8.90 11.54
CA VAL A 53 -2.61 -8.65 10.22
C VAL A 53 -3.93 -7.94 10.41
N GLU A 54 -4.13 -6.86 9.66
CA GLU A 54 -5.39 -6.11 9.63
C GLU A 54 -6.06 -6.33 8.29
N THR A 55 -7.35 -6.65 8.31
CA THR A 55 -8.11 -6.93 7.11
C THR A 55 -9.39 -6.11 7.08
N VAL A 56 -9.66 -5.50 5.93
CA VAL A 56 -10.91 -4.80 5.66
C VAL A 56 -11.52 -5.41 4.41
N GLU A 57 -12.81 -5.73 4.46
CA GLU A 57 -13.49 -6.35 3.34
C GLU A 57 -14.89 -5.76 3.20
N TYR A 58 -15.19 -5.27 2.01
CA TYR A 58 -16.52 -4.78 1.67
C TYR A 58 -16.89 -5.33 0.30
N LYS A 59 -17.87 -6.22 0.25
CA LYS A 59 -18.31 -6.81 -1.01
C LYS A 59 -17.09 -7.31 -1.77
N ASN A 60 -16.79 -6.71 -2.93
CA ASN A 60 -15.76 -7.29 -3.79
C ASN A 60 -14.33 -6.87 -3.43
N ILE A 61 -14.14 -5.87 -2.57
CA ILE A 61 -12.82 -5.32 -2.31
C ILE A 61 -12.32 -5.79 -0.95
N SER A 62 -11.05 -6.20 -0.91
CA SER A 62 -10.40 -6.65 0.30
C SER A 62 -9.02 -6.02 0.42
N PHE A 63 -8.73 -5.46 1.59
CA PHE A 63 -7.40 -4.94 1.93
C PHE A 63 -6.80 -5.81 3.03
N THR A 64 -5.55 -6.23 2.86
CA THR A 64 -4.78 -6.91 3.89
C THR A 64 -3.56 -6.06 4.22
N VAL A 65 -3.29 -5.89 5.51
CA VAL A 65 -2.27 -4.94 5.95
C VAL A 65 -1.39 -5.56 7.03
N TRP A 66 -0.08 -5.35 6.91
CA TRP A 66 0.84 -5.63 8.02
C TRP A 66 2.09 -4.78 7.87
N ASP A 67 2.82 -4.66 8.98
CA ASP A 67 4.05 -3.91 9.02
C ASP A 67 5.21 -4.79 8.59
N VAL A 68 6.09 -4.23 7.78
CA VAL A 68 7.33 -4.90 7.44
C VAL A 68 8.50 -4.17 8.09
N GLY A 69 9.62 -4.87 8.16
CA GLY A 69 10.77 -4.35 8.87
C GLY A 69 10.96 -5.05 10.20
N ARG A 75 7.72 -15.17 5.31
CA ARG A 75 7.12 -16.35 5.93
C ARG A 75 6.28 -17.12 4.92
N PRO A 76 6.10 -18.42 5.13
CA PRO A 76 5.21 -19.18 4.24
C PRO A 76 3.83 -18.54 4.10
N LEU A 77 3.25 -18.09 5.21
CA LEU A 77 1.97 -17.40 5.13
C LEU A 77 2.06 -16.13 4.31
N TRP A 78 3.18 -15.40 4.41
CA TRP A 78 3.31 -14.19 3.60
C TRP A 78 3.23 -14.52 2.12
N ARG A 79 3.79 -15.66 1.70
CA ARG A 79 3.82 -16.01 0.29
C ARG A 79 2.45 -16.46 -0.21
N HIS A 80 1.63 -17.01 0.68
CA HIS A 80 0.25 -17.34 0.31
C HIS A 80 -0.63 -16.10 0.23
N TYR A 81 -0.37 -15.11 1.08
CA TYR A 81 -0.98 -13.80 0.88
C TYR A 81 -0.51 -13.16 -0.43
N PHE A 82 0.77 -13.32 -0.77
CA PHE A 82 1.31 -12.71 -1.98
C PHE A 82 0.59 -13.21 -3.24
N GLN A 83 0.51 -14.53 -3.40
CA GLN A 83 0.06 -15.09 -4.67
C GLN A 83 -1.34 -14.61 -5.05
N ASN A 84 -2.21 -14.37 -4.07
CA ASN A 84 -3.56 -13.89 -4.34
C ASN A 84 -3.62 -12.37 -4.49
N THR A 85 -2.50 -11.68 -4.35
CA THR A 85 -2.47 -10.22 -4.35
C THR A 85 -2.43 -9.71 -5.79
N GLN A 86 -3.40 -8.85 -6.13
CA GLN A 86 -3.43 -8.20 -7.42
C GLN A 86 -2.80 -6.82 -7.37
N GLY A 87 -3.10 -6.06 -6.33
CA GLY A 87 -2.51 -4.75 -6.10
C GLY A 87 -1.66 -4.77 -4.86
N LEU A 88 -0.49 -4.12 -4.95
CA LEU A 88 0.43 -3.97 -3.83
C LEU A 88 0.59 -2.48 -3.54
N ILE A 89 0.32 -2.09 -2.30
CA ILE A 89 0.50 -0.72 -1.85
C ILE A 89 1.64 -0.71 -0.85
N PHE A 90 2.62 0.17 -1.07
CA PHE A 90 3.69 0.40 -0.10
C PHE A 90 3.58 1.83 0.41
N VAL A 91 3.37 1.97 1.72
CA VAL A 91 3.18 3.27 2.36
C VAL A 91 4.50 3.66 3.02
N VAL A 92 4.93 4.89 2.80
CA VAL A 92 6.18 5.40 3.35
C VAL A 92 5.93 6.72 4.06
N ASP A 93 6.56 6.89 5.22
CA ASP A 93 6.56 8.16 5.94
C ASP A 93 7.54 9.09 5.25
N SER A 94 7.03 10.03 4.46
CA SER A 94 7.88 10.92 3.68
C SER A 94 8.67 11.88 4.56
N ASN A 95 8.32 12.00 5.85
CA ASN A 95 9.04 12.86 6.77
C ASN A 95 10.18 12.14 7.47
N ASP A 96 10.28 10.81 7.32
CA ASP A 96 11.27 10.02 8.05
C ASP A 96 12.47 9.77 7.14
N ARG A 97 13.34 10.78 7.09
CA ARG A 97 14.56 10.64 6.30
C ARG A 97 15.48 9.58 6.87
N GLU A 98 15.43 9.36 8.18
CA GLU A 98 16.33 8.43 8.82
C GLU A 98 16.04 7.00 8.43
N ARG A 99 14.81 6.69 8.03
CA ARG A 99 14.43 5.32 7.72
C ARG A 99 14.02 5.13 6.27
N VAL A 100 14.28 6.10 5.40
CA VAL A 100 13.85 5.95 4.01
C VAL A 100 14.61 4.83 3.33
N ASN A 101 15.89 4.64 3.66
CA ASN A 101 16.64 3.55 3.05
C ASN A 101 16.13 2.20 3.51
N GLU A 102 15.73 2.09 4.78
CA GLU A 102 15.12 0.86 5.26
C GLU A 102 13.82 0.56 4.52
N ALA A 103 13.00 1.59 4.31
CA ALA A 103 11.80 1.42 3.50
C ALA A 103 12.14 0.89 2.11
N ARG A 104 13.18 1.43 1.50
CA ARG A 104 13.60 0.97 0.17
C ARG A 104 13.94 -0.51 0.20
N GLU A 105 14.77 -0.92 1.16
CA GLU A 105 15.20 -2.32 1.22
C GLU A 105 14.01 -3.26 1.43
N GLU A 106 13.04 -2.86 2.26
CA GLU A 106 11.87 -3.71 2.46
C GLU A 106 11.01 -3.77 1.21
N LEU A 107 10.84 -2.63 0.52
CA LEU A 107 10.10 -2.65 -0.73
C LEU A 107 10.78 -3.56 -1.75
N MET A 108 12.10 -3.40 -1.93
CA MET A 108 12.79 -4.23 -2.90
C MET A 108 12.75 -5.70 -2.52
N ARG A 109 12.80 -6.01 -1.23
CA ARG A 109 12.69 -7.40 -0.82
C ARG A 109 11.35 -8.01 -1.23
N MET A 110 10.26 -7.23 -1.11
CA MET A 110 8.96 -7.77 -1.46
C MET A 110 8.83 -7.90 -2.98
N LEU A 111 9.41 -6.96 -3.72
CA LEU A 111 9.29 -7.03 -5.17
C LEU A 111 10.15 -8.13 -5.76
N ALA A 112 11.13 -8.63 -5.01
CA ALA A 112 11.93 -9.77 -5.44
C ALA A 112 11.21 -11.10 -5.24
N GLU A 113 10.01 -11.09 -4.66
CA GLU A 113 9.26 -12.32 -4.43
C GLU A 113 8.53 -12.74 -5.70
N ASP A 114 8.69 -14.00 -6.08
CA ASP A 114 8.08 -14.44 -7.33
C ASP A 114 6.56 -14.39 -7.26
N GLU A 115 6.01 -14.57 -6.06
CA GLU A 115 4.56 -14.60 -5.92
C GLU A 115 3.92 -13.24 -6.17
N LEU A 116 4.71 -12.17 -6.19
CA LEU A 116 4.21 -10.82 -6.47
C LEU A 116 4.63 -10.31 -7.84
N ARG A 117 5.10 -11.21 -8.72
CA ARG A 117 5.70 -10.77 -9.97
C ARG A 117 4.78 -9.87 -10.78
N ASP A 118 3.48 -10.15 -10.76
CA ASP A 118 2.52 -9.45 -11.60
C ASP A 118 1.68 -8.44 -10.82
N ALA A 119 1.98 -8.21 -9.55
CA ALA A 119 1.26 -7.22 -8.77
C ALA A 119 1.51 -5.82 -9.34
N VAL A 120 0.46 -5.00 -9.35
CA VAL A 120 0.58 -3.59 -9.69
C VAL A 120 0.92 -2.83 -8.41
N LEU A 121 1.91 -1.94 -8.48
CA LEU A 121 2.47 -1.30 -7.31
C LEU A 121 2.02 0.16 -7.21
N LEU A 122 1.43 0.52 -6.09
CA LEU A 122 1.12 1.89 -5.74
C LEU A 122 1.92 2.26 -4.50
N VAL A 123 2.72 3.31 -4.60
CA VAL A 123 3.47 3.83 -3.46
C VAL A 123 2.75 5.08 -2.96
N PHE A 124 2.37 5.07 -1.68
CA PHE A 124 1.82 6.25 -1.01
C PHE A 124 2.97 6.98 -0.34
N ALA A 125 3.33 8.16 -0.84
CA ALA A 125 4.31 9.03 -0.18
C ALA A 125 3.56 9.85 0.85
N ASN A 126 3.46 9.31 2.06
CA ASN A 126 2.51 9.82 3.04
C ASN A 126 3.13 10.91 3.92
N LYS A 127 2.27 11.61 4.65
CA LYS A 127 2.65 12.66 5.59
C LYS A 127 3.19 13.90 4.88
N GLN A 128 2.62 14.21 3.72
CA GLN A 128 3.03 15.39 2.96
C GLN A 128 2.64 16.69 3.64
N ASP A 129 1.77 16.64 4.65
CA ASP A 129 1.40 17.84 5.37
C ASP A 129 2.53 18.38 6.25
N LEU A 130 3.49 17.53 6.61
CA LEU A 130 4.52 17.94 7.55
C LEU A 130 5.55 18.83 6.86
N PRO A 131 6.12 19.81 7.57
CA PRO A 131 6.89 20.87 6.88
C PRO A 131 8.09 20.34 6.09
N ASN A 132 8.92 19.49 6.71
CA ASN A 132 10.18 19.00 6.16
C ASN A 132 10.04 17.63 5.50
N ALA A 133 8.85 17.33 4.99
CA ALA A 133 8.62 16.08 4.30
C ALA A 133 9.21 16.10 2.89
N MET A 134 9.87 15.01 2.53
CA MET A 134 10.31 14.83 1.15
C MET A 134 9.09 14.72 0.24
N ASN A 135 9.17 15.36 -0.93
CA ASN A 135 8.05 15.30 -1.86
C ASN A 135 8.11 13.98 -2.65
N ALA A 136 7.08 13.76 -3.47
CA ALA A 136 6.96 12.47 -4.16
C ALA A 136 8.12 12.23 -5.13
N ALA A 137 8.61 13.29 -5.78
CA ALA A 137 9.77 13.13 -6.65
C ALA A 137 10.99 12.65 -5.86
N GLU A 138 11.23 13.24 -4.69
CA GLU A 138 12.36 12.82 -3.88
C GLU A 138 12.17 11.38 -3.39
N ILE A 139 10.97 11.04 -2.94
CA ILE A 139 10.70 9.67 -2.51
C ILE A 139 10.93 8.71 -3.66
N THR A 140 10.50 9.09 -4.86
CA THR A 140 10.73 8.24 -6.03
C THR A 140 12.21 7.91 -6.17
N ASP A 141 13.07 8.93 -6.02
CA ASP A 141 14.49 8.72 -6.22
C ASP A 141 15.12 7.95 -5.05
N LYS A 142 14.69 8.26 -3.83
CA LYS A 142 15.23 7.56 -2.67
C LYS A 142 14.86 6.09 -2.68
N LEU A 143 13.68 5.74 -3.18
CA LEU A 143 13.25 4.35 -3.25
C LEU A 143 13.73 3.64 -4.51
N GLY A 144 14.27 4.37 -5.47
CA GLY A 144 14.77 3.75 -6.68
C GLY A 144 13.69 3.19 -7.59
N LEU A 145 12.53 3.84 -7.63
CA LEU A 145 11.41 3.27 -8.38
C LEU A 145 11.67 3.28 -9.88
N HIS A 146 12.43 4.24 -10.40
CA HIS A 146 12.71 4.26 -11.83
C HIS A 146 13.49 3.03 -12.28
N SER A 147 14.13 2.32 -11.34
CA SER A 147 14.89 1.13 -11.68
C SER A 147 14.02 -0.11 -11.85
N LEU A 148 12.75 -0.05 -11.45
CA LEU A 148 11.94 -1.26 -11.40
C LEU A 148 11.78 -1.88 -12.79
N ARG A 149 11.81 -3.21 -12.83
CA ARG A 149 11.80 -3.96 -14.08
C ARG A 149 10.46 -4.65 -14.26
N HIS A 150 9.91 -4.57 -15.46
CA HIS A 150 8.63 -5.19 -15.80
C HIS A 150 7.62 -4.97 -14.68
N ARG A 151 7.52 -3.72 -14.23
CA ARG A 151 6.67 -3.37 -13.10
C ARG A 151 5.80 -2.18 -13.47
N ASN A 152 4.50 -2.33 -13.28
CA ASN A 152 3.53 -1.25 -13.44
C ASN A 152 3.39 -0.56 -12.08
N TRP A 153 3.94 0.66 -11.96
CA TRP A 153 3.98 1.33 -10.68
C TRP A 153 3.61 2.81 -10.82
N TYR A 154 3.19 3.38 -9.69
CA TYR A 154 2.71 4.75 -9.57
C TYR A 154 3.04 5.21 -8.15
N ILE A 155 3.39 6.48 -8.00
CA ILE A 155 3.63 7.07 -6.69
C ILE A 155 2.64 8.22 -6.50
N GLN A 156 2.03 8.29 -5.31
CA GLN A 156 1.00 9.26 -5.02
C GLN A 156 1.32 9.96 -3.71
N ALA A 157 1.40 11.29 -3.76
CA ALA A 157 1.57 12.08 -2.55
C ALA A 157 0.27 12.06 -1.75
N THR A 158 0.38 11.81 -0.44
CA THR A 158 -0.81 11.70 0.39
C THR A 158 -0.60 12.32 1.75
N CYS A 159 -1.72 12.69 2.37
CA CYS A 159 -1.81 13.00 3.80
C CYS A 159 -2.94 12.12 4.32
N ALA A 160 -2.60 10.99 4.93
CA ALA A 160 -3.64 10.02 5.29
C ALA A 160 -4.58 10.55 6.36
N THR A 161 -4.09 11.42 7.25
CA THR A 161 -4.95 11.93 8.32
C THR A 161 -6.02 12.88 7.79
N SER A 162 -5.70 13.64 6.74
CA SER A 162 -6.69 14.51 6.12
C SER A 162 -7.44 13.83 4.99
N GLY A 163 -6.89 12.75 4.44
CA GLY A 163 -7.50 12.06 3.32
C GLY A 163 -6.98 12.47 1.96
N ASP A 164 -6.21 13.55 1.88
CA ASP A 164 -5.71 14.03 0.60
C ASP A 164 -4.88 12.95 -0.08
N GLY A 165 -5.16 12.72 -1.36
CA GLY A 165 -4.39 11.82 -2.18
C GLY A 165 -4.84 10.38 -2.18
N LEU A 166 -5.67 9.97 -1.22
CA LEU A 166 -6.05 8.56 -1.12
C LEU A 166 -6.94 8.14 -2.28
N TYR A 167 -7.97 8.94 -2.59
CA TYR A 167 -8.80 8.64 -3.74
C TYR A 167 -7.96 8.57 -5.01
N GLU A 168 -7.08 9.57 -5.19
CA GLU A 168 -6.31 9.66 -6.42
C GLU A 168 -5.45 8.41 -6.64
N GLY A 169 -4.75 7.96 -5.59
CA GLY A 169 -3.93 6.78 -5.72
C GLY A 169 -4.72 5.52 -5.95
N LEU A 170 -5.80 5.33 -5.17
CA LEU A 170 -6.60 4.12 -5.31
C LEU A 170 -7.37 4.10 -6.63
N ASP A 171 -7.78 5.28 -7.12
CA ASP A 171 -8.40 5.35 -8.44
C ASP A 171 -7.42 4.91 -9.52
N TRP A 172 -6.16 5.35 -9.44
CA TRP A 172 -5.16 4.90 -10.41
C TRP A 172 -5.01 3.38 -10.35
N LEU A 173 -4.83 2.84 -9.15
CA LEU A 173 -4.60 1.41 -9.00
C LEU A 173 -5.81 0.61 -9.46
N SER A 174 -7.00 1.02 -9.06
CA SER A 174 -8.20 0.29 -9.47
C SER A 174 -8.35 0.29 -10.98
N ASN A 175 -8.14 1.45 -11.62
CA ASN A 175 -8.22 1.53 -13.07
C ASN A 175 -7.24 0.58 -13.75
N GLN A 176 -6.00 0.52 -13.25
CA GLN A 176 -5.02 -0.42 -13.81
C GLN A 176 -5.48 -1.86 -13.64
N LEU A 177 -6.00 -2.21 -12.47
CA LEU A 177 -6.39 -3.58 -12.21
C LEU A 177 -7.62 -4.00 -13.01
N ARG A 178 -8.53 -3.06 -13.28
CA ARG A 178 -9.77 -3.38 -13.95
C ARG A 178 -9.68 -3.35 -15.47
N ASN A 179 -8.65 -2.73 -16.03
CA ASN A 179 -8.52 -2.52 -17.46
C ASN A 179 -7.28 -3.22 -17.99
N GLN A 180 -6.87 -4.31 -17.34
CA GLN A 180 -5.75 -5.13 -17.76
C GLN A 180 -5.98 -6.58 -17.32
#